data_7IIW
#
_entry.id   7IIW
#
_cell.length_a   88.672
_cell.length_b   88.672
_cell.length_c   39.549
_cell.angle_alpha   90.000
_cell.angle_beta   90.000
_cell.angle_gamma   90.000
#
_symmetry.space_group_name_H-M   'P 43'
#
loop_
_entity.id
_entity.type
_entity.pdbx_description
1 polymer 'Non-structural protein 3'
2 non-polymer '(3R)-3-(4-bromophenyl)-3-[(7H-pyrrolo[2,3-d]pyrimidine-4-carbonyl)amino]propanoic acid'
3 non-polymer '(3S)-3-(4-bromophenyl)-3-[(7H-pyrrolo[2,3-d]pyrimidine-4-carbonyl)amino]propanoic acid'
4 water water
#
_entity_poly.entity_id   1
_entity_poly.type   'polypeptide(L)'
_entity_poly.pdbx_seq_one_letter_code
;SMVNSFSGYLKLTDNVYIKNADIVEEAKKVKPTVVVNAANVYLKHGGGVAGALNKATNNAMQVESDDYIATNGPLKVGGS
CVLSGHNLAKHCLHVVGPNVNKGEDIQLLKSAYENFNQHEVLLAPLLSAGIFGADPIHSLRVCVDTVRTNVYLAVFDKNL
YDKLVSSFL
;
_entity_poly.pdbx_strand_id   A,B
#
loop_
_chem_comp.id
_chem_comp.type
_chem_comp.name
_chem_comp.formula
A1CJB non-polymer '(3S)-3-(4-bromophenyl)-3-[(7H-pyrrolo[2,3-d]pyrimidine-4-carbonyl)amino]propanoic acid' 'C16 H13 Br N4 O3'
RLU non-polymer '(3R)-3-(4-bromophenyl)-3-[(7H-pyrrolo[2,3-d]pyrimidine-4-carbonyl)amino]propanoic acid' 'C16 H13 Br N4 O3'
#
# COMPACT_ATOMS: atom_id res chain seq x y z
N VAL A 3 16.78 13.76 -10.84
CA VAL A 3 16.30 13.86 -12.21
C VAL A 3 15.94 12.48 -12.76
N ASN A 4 14.76 12.38 -13.36
CA ASN A 4 14.33 11.14 -14.01
C ASN A 4 13.90 11.40 -15.45
N SER A 5 13.48 10.33 -16.12
N SER A 5 13.28 10.41 -16.10
CA SER A 5 13.21 10.31 -17.55
CA SER A 5 13.08 10.45 -17.55
C SER A 5 11.77 10.62 -17.88
C SER A 5 11.60 10.52 -17.96
N PHE A 6 10.90 10.72 -16.89
N PHE A 6 10.71 10.99 -17.09
CA PHE A 6 9.50 11.07 -17.14
CA PHE A 6 9.31 11.15 -17.50
C PHE A 6 9.42 12.46 -17.75
C PHE A 6 9.12 12.46 -18.24
N SER A 7 8.70 12.58 -18.86
N SER A 7 8.36 12.40 -19.35
CA SER A 7 8.66 13.80 -19.65
CA SER A 7 8.26 13.51 -20.29
C SER A 7 7.22 14.17 -19.94
C SER A 7 6.89 14.16 -20.22
N GLY A 8 6.93 15.48 -19.90
N GLY A 8 6.88 15.49 -20.19
CA GLY A 8 5.62 15.96 -20.32
CA GLY A 8 5.64 16.25 -20.32
C GLY A 8 4.54 15.93 -19.27
C GLY A 8 4.65 16.03 -19.21
N TYR A 9 4.89 15.69 -18.00
N TYR A 9 5.11 15.68 -18.02
CA TYR A 9 3.89 15.63 -16.94
CA TYR A 9 4.20 15.50 -16.90
C TYR A 9 3.61 17.02 -16.40
C TYR A 9 3.90 16.82 -16.21
N LEU A 10 2.37 17.21 -15.98
N LEU A 10 2.62 17.02 -15.90
CA LEU A 10 1.98 18.36 -15.18
CA LEU A 10 2.13 18.19 -15.21
C LEU A 10 2.24 18.03 -13.71
C LEU A 10 2.34 18.00 -13.71
N LYS A 11 2.77 18.99 -12.98
N LYS A 11 3.19 18.83 -13.11
CA LYS A 11 3.06 18.81 -11.56
CA LYS A 11 3.45 18.74 -11.68
C LYS A 11 1.83 19.22 -10.78
C LYS A 11 2.21 19.18 -10.91
N LEU A 12 1.34 18.32 -9.92
N LEU A 12 1.54 18.23 -10.26
CA LEU A 12 0.22 18.65 -9.04
CA LEU A 12 0.32 18.54 -9.50
C LEU A 12 0.67 19.05 -7.65
C LEU A 12 0.66 18.99 -8.08
N THR A 13 1.66 18.37 -7.10
N THR A 13 1.52 18.23 -7.40
CA THR A 13 2.15 18.63 -5.75
CA THR A 13 2.00 18.59 -6.09
C THR A 13 3.66 18.40 -5.74
C THR A 13 3.51 18.37 -6.06
N ASP A 14 4.24 18.47 -4.54
N ASP A 14 4.09 18.44 -4.86
CA ASP A 14 5.65 18.17 -4.37
CA ASP A 14 5.53 18.23 -4.71
C ASP A 14 6.02 16.82 -4.99
C ASP A 14 5.98 16.89 -5.28
N ASN A 15 5.12 15.84 -4.91
N ASN A 15 5.14 15.85 -5.20
CA ASN A 15 5.46 14.46 -5.27
CA ASN A 15 5.58 14.51 -5.56
C ASN A 15 4.50 13.79 -6.24
C ASN A 15 4.72 13.82 -6.60
N VAL A 16 3.44 14.45 -6.70
N VAL A 16 3.60 14.41 -7.03
CA VAL A 16 2.45 13.84 -7.59
CA VAL A 16 2.67 13.77 -7.96
C VAL A 16 2.42 14.59 -8.92
C VAL A 16 2.69 14.53 -9.27
N TYR A 17 2.53 13.84 -10.01
N TYR A 17 2.82 13.79 -10.37
CA TYR A 17 2.55 14.33 -11.38
CA TYR A 17 2.92 14.30 -11.72
C TYR A 17 1.49 13.59 -12.19
C TYR A 17 1.92 13.54 -12.56
N ILE A 18 1.01 14.19 -13.27
N ILE A 18 1.35 14.17 -13.58
CA ILE A 18 -0.08 13.60 -14.06
CA ILE A 18 0.24 13.58 -14.32
C ILE A 18 0.11 13.94 -15.54
C ILE A 18 0.35 13.87 -15.80
N LYS A 19 -0.22 12.97 -16.41
N LYS A 19 -0.26 12.98 -16.58
CA LYS A 19 -0.05 13.11 -17.86
CA LYS A 19 -0.21 13.09 -18.03
C LYS A 19 -1.12 12.30 -18.58
C LYS A 19 -1.39 12.34 -18.62
N ASN A 20 -1.65 12.84 -19.69
N ASN A 20 -1.86 12.81 -19.77
CA ASN A 20 -2.53 12.08 -20.57
CA ASN A 20 -2.86 12.09 -20.57
C ASN A 20 -1.67 11.14 -21.39
C ASN A 20 -2.08 11.19 -21.51
N ALA A 21 -1.71 9.85 -21.05
N ALA A 21 -1.85 9.95 -21.08
CA ALA A 21 -0.85 8.89 -21.72
CA ALA A 21 -1.03 9.02 -21.86
C ALA A 21 -1.42 7.49 -21.54
C ALA A 21 -1.38 7.58 -21.48
N ASP A 22 -1.14 6.64 -22.53
N ASP A 22 -0.95 6.66 -22.35
CA ASP A 22 -1.37 5.22 -22.42
CA ASP A 22 -1.13 5.23 -22.15
C ASP A 22 -0.25 4.64 -21.56
C ASP A 22 0.04 4.69 -21.34
N ILE A 23 -0.59 4.14 -20.38
N ILE A 23 -0.28 3.99 -20.24
CA ILE A 23 0.42 3.63 -19.45
CA ILE A 23 0.75 3.53 -19.31
C ILE A 23 1.27 2.55 -20.11
C ILE A 23 1.68 2.52 -19.97
N VAL A 24 0.69 1.80 -21.05
N VAL A 24 1.18 1.74 -20.93
CA VAL A 24 1.46 0.79 -21.77
CA VAL A 24 2.03 0.81 -21.65
C VAL A 24 2.57 1.45 -22.57
C VAL A 24 3.04 1.55 -22.51
N GLU A 25 2.22 2.43 -23.41
N GLU A 25 2.64 2.67 -23.10
CA GLU A 25 3.23 3.11 -24.22
CA GLU A 25 3.57 3.48 -23.88
C GLU A 25 4.20 3.88 -23.36
C GLU A 25 4.57 4.19 -22.98
N GLU A 26 3.73 4.45 -22.25
N GLU A 26 4.10 4.75 -21.86
CA GLU A 26 4.63 5.18 -21.36
CA GLU A 26 5.02 5.34 -20.90
C GLU A 26 5.68 4.25 -20.76
C GLU A 26 5.97 4.29 -20.35
N ALA A 27 5.26 3.06 -20.32
N ALA A 27 5.48 3.08 -20.11
CA ALA A 27 6.21 2.13 -19.70
CA ALA A 27 6.35 2.01 -19.62
C ALA A 27 7.27 1.68 -20.70
C ALA A 27 7.33 1.57 -20.69
N LYS A 28 6.86 1.36 -21.92
CA LYS A 28 7.78 0.93 -22.97
C LYS A 28 8.83 2.00 -23.26
N LYS A 29 8.49 3.27 -23.08
N LYS A 29 8.48 3.28 -23.08
CA LYS A 29 9.41 4.36 -23.36
CA LYS A 29 9.43 4.35 -23.36
C LYS A 29 10.39 4.59 -22.21
C LYS A 29 10.39 4.57 -22.20
N VAL A 30 9.87 4.67 -20.98
CA VAL A 30 10.70 5.02 -19.83
C VAL A 30 11.40 3.81 -19.22
N LYS A 31 10.79 2.62 -19.29
CA LYS A 31 11.26 1.45 -18.56
C LYS A 31 11.47 1.79 -17.08
N PRO A 32 10.43 2.23 -16.39
CA PRO A 32 10.58 2.64 -15.00
C PRO A 32 10.96 1.47 -14.12
N THR A 33 11.50 1.80 -12.95
CA THR A 33 11.78 0.78 -11.96
C THR A 33 10.50 0.05 -11.57
N VAL A 34 9.39 0.78 -11.43
CA VAL A 34 8.13 0.21 -11.00
C VAL A 34 7.00 0.76 -11.87
N VAL A 35 6.25 -0.15 -12.49
CA VAL A 35 4.94 0.17 -13.05
C VAL A 35 3.89 -0.47 -12.17
N VAL A 36 2.83 0.28 -11.87
CA VAL A 36 1.73 -0.21 -11.07
C VAL A 36 0.66 -0.78 -11.98
N ASN A 37 0.19 -1.99 -11.65
N ASN A 37 0.18 -1.99 -11.66
CA ASN A 37 -0.96 -2.60 -12.29
CA ASN A 37 -1.00 -2.55 -12.27
C ASN A 37 -2.20 -2.42 -11.44
C ASN A 37 -2.18 -2.40 -11.32
N ALA A 38 -3.32 -2.13 -12.10
N ALA A 38 -3.33 -2.00 -11.88
CA ALA A 38 -4.64 -2.10 -11.47
CA ALA A 38 -4.59 -1.94 -11.14
C ALA A 38 -5.17 -3.53 -11.42
C ALA A 38 -5.23 -3.32 -11.24
N ALA A 39 -4.70 -4.27 -10.41
N ALA A 39 -4.88 -4.19 -10.30
CA ALA A 39 -4.93 -5.71 -10.30
CA ALA A 39 -5.19 -5.60 -10.38
C ALA A 39 -6.24 -6.00 -9.57
C ALA A 39 -6.43 -5.95 -9.57
N ASN A 40 -6.70 -7.24 -9.73
N ASN A 40 -6.87 -7.19 -9.73
CA ASN A 40 -7.69 -7.82 -8.84
CA ASN A 40 -7.82 -7.81 -8.81
C ASN A 40 -7.06 -8.90 -7.97
C ASN A 40 -7.10 -8.86 -7.98
N VAL A 41 -7.81 -9.38 -6.97
CA VAL A 41 -7.21 -10.28 -5.98
C VAL A 41 -6.72 -11.57 -6.58
N TYR A 42 -7.27 -11.98 -7.73
CA TYR A 42 -6.89 -13.22 -8.38
C TYR A 42 -5.78 -13.02 -9.40
N LEU A 43 -5.31 -11.79 -9.58
CA LEU A 43 -4.36 -11.45 -10.64
C LEU A 43 -4.81 -11.99 -12.00
N LYS A 44 -6.11 -11.88 -12.27
N LYS A 44 -6.11 -11.86 -12.27
CA LYS A 44 -6.66 -12.24 -13.58
CA LYS A 44 -6.69 -12.20 -13.57
C LYS A 44 -6.72 -10.97 -14.41
C LYS A 44 -6.72 -10.91 -14.39
N HIS A 45 -5.80 -10.84 -15.35
N HIS A 45 -5.79 -10.79 -15.32
CA HIS A 45 -5.57 -9.56 -16.04
CA HIS A 45 -5.58 -9.54 -16.04
C HIS A 45 -6.35 -9.54 -17.35
C HIS A 45 -6.42 -9.55 -17.32
N GLY A 46 -7.67 -9.52 -17.23
N GLY A 46 -7.68 -9.14 -17.20
CA GLY A 46 -8.53 -9.72 -18.38
CA GLY A 46 -8.60 -9.27 -18.32
C GLY A 46 -8.87 -8.46 -19.16
C GLY A 46 -8.78 -8.01 -19.15
N GLY A 47 -8.92 -7.32 -18.48
N GLY A 47 -8.90 -6.87 -18.49
CA GLY A 47 -9.38 -6.10 -19.10
CA GLY A 47 -9.19 -5.64 -19.21
C GLY A 47 -8.88 -4.90 -18.33
C GLY A 47 -8.64 -4.42 -18.50
N GLY A 48 -9.27 -3.72 -18.79
N GLY A 48 -8.95 -3.23 -19.01
CA GLY A 48 -8.79 -2.50 -18.17
CA GLY A 48 -8.43 -2.01 -18.43
C GLY A 48 -7.27 -2.38 -18.32
C GLY A 48 -6.92 -2.02 -18.43
N VAL A 49 -6.69 -1.61 -17.40
N VAL A 49 -6.35 -1.48 -17.36
CA VAL A 49 -5.23 -1.44 -17.38
CA VAL A 49 -4.90 -1.42 -17.22
C VAL A 49 -4.54 -2.79 -17.31
C VAL A 49 -4.31 -2.83 -17.23
N ALA A 50 -5.04 -3.69 -16.45
N ALA A 50 -4.92 -3.75 -16.48
CA ALA A 50 -4.39 -5.00 -16.29
CA ALA A 50 -4.34 -5.08 -16.32
C ALA A 50 -4.39 -5.78 -17.58
C ALA A 50 -4.29 -5.82 -17.63
N GLY A 51 -5.53 -5.82 -18.27
N GLY A 51 -5.40 -5.85 -18.36
CA GLY A 51 -5.60 -6.51 -19.53
CA GLY A 51 -5.40 -6.51 -19.66
C GLY A 51 -4.63 -5.95 -20.55
C GLY A 51 -4.44 -5.86 -20.63
N ALA A 52 -4.51 -4.61 -20.59
N ALA A 52 -4.29 -4.54 -20.55
CA ALA A 52 -3.63 -3.97 -21.56
CA ALA A 52 -3.39 -3.82 -21.44
C ALA A 52 -2.16 -4.24 -21.22
C ALA A 52 -1.93 -4.13 -21.12
N LEU A 53 -1.78 -4.10 -19.95
N LEU A 53 -1.55 -4.07 -19.84
CA LEU A 53 -0.40 -4.38 -19.56
CA LEU A 53 -0.19 -4.44 -19.47
C LEU A 53 -0.06 -5.82 -19.87
C LEU A 53 0.10 -5.88 -19.83
N ASN A 54 -0.94 -6.75 -19.51
N ASN A 54 -0.83 -6.79 -19.52
CA ASN A 54 -0.63 -8.15 -19.75
CA ASN A 54 -0.58 -8.20 -19.79
C ASN A 54 -0.48 -8.44 -21.24
C ASN A 54 -0.46 -8.47 -21.28
N LYS A 55 -1.36 -7.87 -22.06
N LYS A 55 -1.33 -7.87 -22.10
CA LYS A 55 -1.25 -8.02 -23.51
CA LYS A 55 -1.24 -8.05 -23.54
C LYS A 55 0.12 -7.59 -24.00
C LYS A 55 0.11 -7.56 -24.05
N ALA A 56 0.61 -6.45 -23.49
CA ALA A 56 1.90 -5.94 -23.91
C ALA A 56 3.06 -6.85 -23.54
N THR A 57 2.89 -7.69 -22.51
CA THR A 57 3.89 -8.70 -22.15
C THR A 57 3.70 -10.03 -22.88
N ASN A 58 2.78 -10.08 -23.85
CA ASN A 58 2.54 -11.32 -24.58
C ASN A 58 2.06 -12.44 -23.66
N ASN A 59 1.32 -12.07 -22.61
CA ASN A 59 0.73 -12.98 -21.63
C ASN A 59 1.74 -13.49 -20.59
N ALA A 60 2.99 -13.05 -20.65
CA ALA A 60 3.96 -13.49 -19.63
C ALA A 60 3.55 -13.03 -18.24
N MET A 61 2.97 -11.83 -18.13
CA MET A 61 2.47 -11.36 -16.84
C MET A 61 1.44 -12.33 -16.26
N GLN A 62 0.51 -12.79 -17.10
CA GLN A 62 -0.51 -13.73 -16.62
C GLN A 62 0.11 -15.05 -16.18
N VAL A 63 1.05 -15.58 -16.96
CA VAL A 63 1.69 -16.85 -16.61
C VAL A 63 2.37 -16.74 -15.25
N GLU A 64 3.13 -15.66 -15.05
CA GLU A 64 3.80 -15.45 -13.77
C GLU A 64 2.78 -15.30 -12.65
N SER A 65 1.70 -14.56 -12.92
CA SER A 65 0.68 -14.31 -11.92
C SER A 65 -0.03 -15.60 -11.51
N ASP A 66 -0.29 -16.49 -12.46
CA ASP A 66 -0.97 -17.74 -12.13
C ASP A 66 -0.10 -18.58 -11.20
N ASP A 67 1.21 -18.60 -11.43
CA ASP A 67 2.10 -19.29 -10.51
C ASP A 67 2.10 -18.63 -9.14
N TYR A 68 2.10 -17.29 -9.09
CA TYR A 68 2.05 -16.59 -7.81
C TYR A 68 0.81 -16.99 -7.01
N ILE A 69 -0.36 -16.99 -7.66
CA ILE A 69 -1.60 -17.32 -6.96
C ILE A 69 -1.62 -18.79 -6.53
N ALA A 70 -1.14 -19.68 -7.39
CA ALA A 70 -1.10 -21.09 -7.02
C ALA A 70 -0.29 -21.30 -5.76
N THR A 71 0.76 -20.52 -5.56
CA THR A 71 1.63 -20.65 -4.40
C THR A 71 1.08 -19.94 -3.18
N ASN A 72 0.56 -18.72 -3.36
CA ASN A 72 0.27 -17.80 -2.27
C ASN A 72 -1.19 -17.55 -2.00
N GLY A 73 -2.08 -17.91 -2.92
CA GLY A 73 -3.47 -17.56 -2.80
C GLY A 73 -3.71 -16.10 -3.16
N PRO A 74 -4.98 -15.70 -3.14
CA PRO A 74 -5.35 -14.36 -3.58
C PRO A 74 -4.78 -13.27 -2.70
N LEU A 75 -4.62 -12.09 -3.31
CA LEU A 75 -4.31 -10.89 -2.56
C LEU A 75 -5.53 -10.45 -1.75
N LYS A 76 -5.30 -9.50 -0.85
CA LYS A 76 -6.36 -8.77 -0.17
C LYS A 76 -6.75 -7.53 -0.98
N VAL A 77 -8.03 -7.16 -0.94
CA VAL A 77 -8.39 -5.84 -1.42
C VAL A 77 -7.69 -4.81 -0.57
N GLY A 78 -7.00 -3.87 -1.22
CA GLY A 78 -6.12 -2.93 -0.54
C GLY A 78 -4.67 -3.36 -0.52
N GLY A 79 -4.38 -4.62 -0.91
CA GLY A 79 -3.06 -5.16 -0.84
C GLY A 79 -2.33 -5.12 -2.18
N SER A 80 -1.14 -5.72 -2.18
CA SER A 80 -0.29 -5.68 -3.36
C SER A 80 0.72 -6.82 -3.31
N CYS A 81 1.35 -7.05 -4.47
CA CYS A 81 2.54 -7.88 -4.53
C CYS A 81 3.45 -7.32 -5.61
N VAL A 82 4.75 -7.57 -5.46
CA VAL A 82 5.75 -7.18 -6.43
C VAL A 82 6.09 -8.39 -7.29
N LEU A 83 5.91 -8.26 -8.60
CA LEU A 83 6.29 -9.28 -9.55
C LEU A 83 7.17 -8.64 -10.62
N SER A 84 7.56 -9.42 -11.62
CA SER A 84 8.39 -8.88 -12.69
C SER A 84 7.65 -7.82 -13.48
N GLY A 85 8.40 -6.85 -13.99
CA GLY A 85 7.87 -5.91 -14.96
C GLY A 85 8.01 -6.35 -16.39
N HIS A 86 8.59 -7.52 -16.63
CA HIS A 86 8.70 -8.10 -17.97
C HIS A 86 9.39 -7.10 -18.87
N ASN A 87 8.86 -6.84 -20.07
CA ASN A 87 9.44 -5.92 -21.03
C ASN A 87 9.02 -4.48 -20.79
N LEU A 88 8.29 -4.20 -19.71
CA LEU A 88 7.73 -2.88 -19.48
C LEU A 88 8.43 -2.08 -18.40
N ALA A 89 9.05 -2.74 -17.43
CA ALA A 89 9.59 -2.10 -16.24
C ALA A 89 10.46 -3.14 -15.55
N LYS A 90 11.26 -2.70 -14.59
CA LYS A 90 11.98 -3.68 -13.78
C LYS A 90 10.99 -4.54 -12.99
N HIS A 91 10.06 -3.90 -12.29
CA HIS A 91 9.08 -4.55 -11.45
C HIS A 91 7.69 -4.06 -11.80
N CYS A 92 6.71 -4.92 -11.58
CA CYS A 92 5.31 -4.52 -11.58
C CYS A 92 4.77 -4.67 -10.16
N LEU A 93 4.27 -3.57 -9.62
CA LEU A 93 3.56 -3.59 -8.34
C LEU A 93 2.08 -3.76 -8.64
N HIS A 94 1.56 -4.97 -8.39
CA HIS A 94 0.15 -5.27 -8.60
C HIS A 94 -0.59 -4.81 -7.36
N VAL A 95 -1.45 -3.80 -7.51
CA VAL A 95 -2.16 -3.20 -6.38
C VAL A 95 -3.65 -3.38 -6.60
N VAL A 96 -4.35 -3.87 -5.57
CA VAL A 96 -5.78 -4.12 -5.65
C VAL A 96 -6.52 -2.97 -4.98
N GLY A 97 -7.08 -2.07 -5.77
N GLY A 97 -7.12 -2.09 -5.76
CA GLY A 97 -8.04 -1.12 -5.25
CA GLY A 97 -8.04 -1.11 -5.23
C GLY A 97 -9.41 -1.76 -5.21
C GLY A 97 -9.42 -1.71 -5.08
N PRO A 98 -10.30 -1.22 -4.38
N PRO A 98 -10.28 -1.05 -4.31
CA PRO A 98 -11.67 -1.75 -4.36
CA PRO A 98 -11.66 -1.54 -4.18
C PRO A 98 -12.37 -1.53 -5.70
C PRO A 98 -12.45 -1.41 -5.46
N ASN A 99 -13.10 -2.56 -6.13
N ASN A 99 -13.39 -2.33 -5.65
CA ASN A 99 -13.92 -2.52 -7.34
CA ASN A 99 -14.30 -2.34 -6.78
C ASN A 99 -15.36 -2.19 -6.92
C ASN A 99 -15.72 -2.18 -6.25
N VAL A 100 -15.78 -0.95 -7.17
N VAL A 100 -16.43 -1.15 -6.73
CA VAL A 100 -17.13 -0.52 -6.83
CA VAL A 100 -17.80 -0.91 -6.29
C VAL A 100 -18.18 -1.38 -7.51
C VAL A 100 -18.80 -1.84 -6.96
N ASN A 101 -17.90 -1.86 -8.72
N ASN A 101 -18.46 -2.40 -8.12
CA ASN A 101 -18.86 -2.72 -9.40
CA ASN A 101 -19.31 -3.40 -8.77
C ASN A 101 -18.95 -4.11 -8.78
C ASN A 101 -19.17 -4.79 -8.15
N LYS A 102 -18.21 -4.35 -7.69
N LYS A 102 -18.28 -4.95 -7.18
CA LYS A 102 -18.36 -5.54 -6.86
CA LYS A 102 -18.26 -6.12 -6.31
C LYS A 102 -18.87 -5.21 -5.45
C LYS A 102 -18.71 -5.79 -4.90
N GLY A 103 -19.11 -3.94 -5.14
N GLY A 103 -19.01 -4.52 -4.61
CA GLY A 103 -19.59 -3.55 -3.82
CA GLY A 103 -19.49 -4.13 -3.30
C GLY A 103 -18.52 -3.37 -2.78
C GLY A 103 -18.41 -3.92 -2.26
N GLU A 104 -17.25 -3.31 -3.17
N GLU A 104 -17.29 -3.34 -2.66
CA GLU A 104 -16.16 -3.26 -2.21
CA GLU A 104 -16.12 -3.25 -1.79
C GLU A 104 -16.00 -1.86 -1.61
C GLU A 104 -15.96 -1.85 -1.20
N ASP A 105 -15.67 -1.81 -0.32
N ASP A 105 -15.21 -1.79 -0.10
CA ASP A 105 -15.63 -0.57 0.43
CA ASP A 105 -15.16 -0.62 0.76
C ASP A 105 -14.62 0.40 -0.18
C ASP A 105 -14.29 0.47 0.12
N ILE A 106 -15.11 1.59 -0.56
N ILE A 106 -14.88 1.64 -0.11
CA ILE A 106 -14.24 2.59 -1.17
CA ILE A 106 -14.13 2.75 -0.71
C ILE A 106 -13.17 3.09 -0.20
C ILE A 106 -12.99 3.20 0.20
N GLN A 107 -13.40 2.96 1.11
N GLN A 107 -13.14 3.04 1.51
CA GLN A 107 -12.40 3.34 2.09
CA GLN A 107 -12.06 3.40 2.42
C GLN A 107 -11.10 2.57 1.91
C GLN A 107 -10.82 2.55 2.20
N LEU A 108 -11.16 1.38 1.31
N LEU A 108 -10.96 1.40 1.53
CA LEU A 108 -9.95 0.60 1.09
CA LEU A 108 -9.81 0.61 1.15
C LEU A 108 -9.03 1.24 0.06
C LEU A 108 -8.98 1.24 0.04
N LEU A 109 -9.48 2.29 -0.62
CA LEU A 109 -8.65 2.95 -1.61
C LEU A 109 -7.40 3.56 -0.98
N LYS A 110 -7.54 4.13 0.23
CA LYS A 110 -6.36 4.69 0.89
C LYS A 110 -5.33 3.59 1.18
N SER A 111 -5.80 2.46 1.71
CA SER A 111 -4.90 1.34 1.96
C SER A 111 -4.19 0.91 0.69
N ALA A 112 -4.92 0.87 -0.43
CA ALA A 112 -4.32 0.51 -1.71
C ALA A 112 -3.18 1.46 -2.08
N TYR A 113 -3.43 2.77 -1.98
CA TYR A 113 -2.38 3.73 -2.32
C TYR A 113 -1.20 3.68 -1.36
N GLU A 114 -1.41 3.25 -0.11
CA GLU A 114 -0.29 3.16 0.83
C GLU A 114 0.81 2.24 0.30
N ASN A 115 0.45 1.25 -0.52
CA ASN A 115 1.46 0.38 -1.08
C ASN A 115 2.50 1.14 -1.89
N PHE A 116 2.10 2.27 -2.49
CA PHE A 116 3.03 3.03 -3.31
C PHE A 116 4.19 3.57 -2.49
N ASN A 117 3.98 3.79 -1.18
CA ASN A 117 5.01 4.40 -0.34
C ASN A 117 6.20 3.49 -0.13
N GLN A 118 6.11 2.22 -0.52
CA GLN A 118 7.23 1.31 -0.41
C GLN A 118 8.20 1.43 -1.60
N HIS A 119 7.95 2.36 -2.51
CA HIS A 119 8.75 2.52 -3.72
C HIS A 119 9.02 3.99 -3.95
N GLU A 120 10.28 4.34 -4.20
CA GLU A 120 10.65 5.75 -4.27
C GLU A 120 10.03 6.46 -5.47
N VAL A 121 9.87 5.78 -6.59
CA VAL A 121 9.34 6.34 -7.82
C VAL A 121 8.48 5.28 -8.51
N LEU A 122 7.31 5.68 -9.00
CA LEU A 122 6.39 4.76 -9.66
C LEU A 122 5.69 5.43 -10.82
N LEU A 123 5.43 4.65 -11.87
N LEU A 123 5.47 4.65 -11.88
CA LEU A 123 4.45 4.97 -12.92
CA LEU A 123 4.56 4.99 -12.97
C LEU A 123 3.17 4.23 -12.58
C LEU A 123 3.27 4.22 -12.73
N ALA A 124 2.03 4.92 -12.63
N ALA A 124 2.16 4.92 -12.58
CA ALA A 124 0.82 4.31 -12.09
CA ALA A 124 0.93 4.29 -12.11
C ALA A 124 -0.45 4.85 -12.74
C ALA A 124 -0.29 4.79 -12.86
N PRO A 125 -1.52 4.06 -12.74
N PRO A 125 -1.35 3.98 -12.89
CA PRO A 125 -2.85 4.55 -13.07
CA PRO A 125 -2.67 4.47 -13.29
C PRO A 125 -3.56 5.02 -11.81
C PRO A 125 -3.41 5.00 -12.07
N LEU A 126 -4.68 5.70 -12.00
N LEU A 126 -4.59 5.58 -12.32
CA LEU A 126 -5.55 6.02 -10.88
CA LEU A 126 -5.45 6.07 -11.24
C LEU A 126 -6.24 4.74 -10.41
C LEU A 126 -6.26 4.90 -10.67
N LEU A 127 -6.02 4.39 -9.15
N LEU A 127 -5.99 4.52 -9.43
CA LEU A 127 -6.60 3.18 -8.60
CA LEU A 127 -6.59 3.31 -8.88
C LEU A 127 -8.10 3.29 -8.48
C LEU A 127 -8.11 3.44 -8.70
N SER A 128 -8.77 2.19 -8.79
N SER A 128 -8.78 2.31 -8.87
CA SER A 128 -10.21 2.04 -8.74
CA SER A 128 -10.21 2.12 -8.65
C SER A 128 -10.93 2.86 -9.80
C SER A 128 -11.13 2.91 -9.57
N ALA A 129 -10.21 3.50 -10.73
N ALA A 129 -10.57 3.64 -10.53
CA ALA A 129 -10.84 4.23 -11.82
CA ALA A 129 -11.39 4.33 -11.51
C ALA A 129 -11.22 3.27 -12.94
C ALA A 129 -11.77 3.36 -12.62
N GLY A 130 -11.74 3.82 -14.03
N GLY A 130 -12.34 3.88 -13.70
CA GLY A 130 -12.10 2.99 -15.17
CA GLY A 130 -12.71 3.02 -14.82
C GLY A 130 -13.12 1.95 -14.75
C GLY A 130 -13.73 1.98 -14.38
N ILE A 131 -12.87 0.70 -15.18
N ILE A 131 -13.50 0.74 -14.78
CA ILE A 131 -13.84 -0.37 -14.95
CA ILE A 131 -14.44 -0.35 -14.55
C ILE A 131 -13.97 -0.80 -13.49
C ILE A 131 -14.52 -0.77 -13.08
N PHE A 132 -13.12 -0.27 -12.59
N PHE A 132 -13.81 -0.06 -12.20
CA PHE A 132 -13.33 -0.52 -11.18
CA PHE A 132 -13.87 -0.34 -10.77
C PHE A 132 -14.40 0.38 -10.57
C PHE A 132 -14.85 0.53 -10.01
N GLY A 133 -14.90 1.38 -11.30
N GLY A 133 -15.31 1.64 -10.58
CA GLY A 133 -16.16 2.02 -10.96
CA GLY A 133 -16.52 2.31 -10.13
C GLY A 133 -16.11 3.18 -9.99
C GLY A 133 -16.34 3.47 -9.17
N ALA A 134 -14.94 3.53 -9.45
N ALA A 134 -15.13 3.79 -8.75
CA ALA A 134 -14.88 4.65 -8.53
CA ALA A 134 -14.94 4.88 -7.80
C ALA A 134 -14.75 5.97 -9.28
C ALA A 134 -14.94 6.23 -8.53
N ASP A 135 -15.03 7.06 -8.57
N ASP A 135 -15.21 7.28 -7.78
CA ASP A 135 -14.88 8.41 -9.13
CA ASP A 135 -15.12 8.64 -8.30
C ASP A 135 -13.40 8.74 -9.28
C ASP A 135 -13.66 8.95 -8.62
N PRO A 136 -12.90 8.97 -10.50
N PRO A 136 -13.31 9.22 -9.88
CA PRO A 136 -11.46 9.25 -10.67
CA PRO A 136 -11.90 9.49 -10.18
C PRO A 136 -11.00 10.53 -9.99
C PRO A 136 -11.36 10.73 -9.47
N ILE A 137 -11.87 11.53 -9.86
N ILE A 137 -12.17 11.77 -9.31
CA ILE A 137 -11.50 12.74 -9.13
CA ILE A 137 -11.74 12.93 -8.53
C ILE A 137 -11.19 12.39 -7.68
C ILE A 137 -11.36 12.50 -7.11
N HIS A 138 -12.01 11.52 -7.09
N HIS A 138 -12.19 11.67 -6.49
CA HIS A 138 -11.75 11.04 -5.74
CA HIS A 138 -11.88 11.20 -5.15
C HIS A 138 -10.46 10.24 -5.67
C HIS A 138 -10.60 10.37 -5.13
N SER A 139 -10.23 9.35 -6.65
N SER A 139 -10.38 9.55 -6.16
CA SER A 139 -9.00 8.57 -6.66
CA SER A 139 -9.18 8.72 -6.18
C SER A 139 -7.76 9.46 -6.69
C SER A 139 -7.92 9.56 -6.28
N LEU A 140 -7.79 10.52 -7.50
N LEU A 140 -7.94 10.61 -7.11
CA LEU A 140 -6.65 11.43 -7.54
CA LEU A 140 -6.80 11.50 -7.20
C LEU A 140 -6.44 12.12 -6.19
C LEU A 140 -6.57 12.22 -5.89
N ARG A 141 -7.54 12.49 -5.53
N ARG A 141 -7.65 12.69 -5.26
CA ARG A 141 -7.45 13.15 -4.22
CA ARG A 141 -7.54 13.27 -3.92
C ARG A 141 -6.79 12.23 -3.19
C ARG A 141 -6.91 12.28 -2.96
N VAL A 142 -7.30 11.00 -3.05
CA VAL A 142 -6.71 10.03 -2.14
C VAL A 142 -5.24 9.81 -2.46
N CYS A 143 -4.90 9.72 -3.75
CA CYS A 143 -3.51 9.55 -4.14
C CYS A 143 -2.65 10.67 -3.57
N VAL A 144 -3.05 11.91 -3.82
CA VAL A 144 -2.26 13.05 -3.40
C VAL A 144 -2.13 13.10 -1.89
N ASP A 145 -3.19 12.71 -1.17
CA ASP A 145 -3.21 12.78 0.29
C ASP A 145 -2.62 11.53 0.96
N THR A 146 -2.20 10.53 0.20
CA THR A 146 -1.68 9.29 0.77
C THR A 146 -0.27 8.97 0.33
N VAL A 147 0.03 9.13 -0.96
CA VAL A 147 1.33 8.78 -1.49
C VAL A 147 2.30 9.91 -1.20
N ARG A 148 3.44 9.56 -0.60
CA ARG A 148 4.50 10.48 -0.29
C ARG A 148 5.71 10.32 -1.18
N THR A 149 5.82 9.18 -1.87
CA THR A 149 6.89 8.96 -2.82
C THR A 149 6.49 9.56 -4.17
N ASN A 150 7.38 9.50 -5.14
CA ASN A 150 7.21 10.23 -6.38
C ASN A 150 6.39 9.39 -7.35
N VAL A 151 5.18 9.84 -7.66
CA VAL A 151 4.26 9.08 -8.50
C VAL A 151 3.94 9.87 -9.76
N TYR A 152 4.06 9.17 -10.90
CA TYR A 152 3.77 9.67 -12.23
C TYR A 152 2.53 8.94 -12.71
N LEU A 153 1.41 9.67 -12.73
N LEU A 153 1.43 9.67 -12.83
CA LEU A 153 0.09 9.14 -13.04
CA LEU A 153 0.16 9.08 -13.22
C LEU A 153 -0.20 9.29 -14.53
C LEU A 153 -0.03 9.21 -14.73
N ALA A 154 -0.58 8.19 -15.16
N ALA A 154 -0.24 8.07 -15.40
CA ALA A 154 -0.99 8.17 -16.56
CA ALA A 154 -0.58 8.01 -16.81
C ALA A 154 -2.50 8.00 -16.61
C ALA A 154 -2.09 7.80 -16.91
N VAL A 155 -3.17 8.94 -17.24
N VAL A 155 -2.79 8.79 -17.44
CA VAL A 155 -4.62 8.93 -17.44
CA VAL A 155 -4.24 8.78 -17.55
C VAL A 155 -4.86 8.73 -18.93
C VAL A 155 -4.61 8.50 -19.00
N PHE A 156 -5.40 7.56 -19.28
N PHE A 156 -5.49 7.52 -19.20
CA PHE A 156 -5.56 7.19 -20.69
CA PHE A 156 -5.84 7.07 -20.55
C PHE A 156 -6.54 8.11 -21.42
C PHE A 156 -6.91 7.95 -21.17
N ASP A 157 -7.64 8.46 -20.77
N ASP A 157 -8.06 8.07 -20.50
CA ASP A 157 -8.69 9.24 -21.42
CA ASP A 157 -9.19 8.76 -21.09
C ASP A 157 -8.32 10.71 -21.42
C ASP A 157 -8.91 10.26 -21.15
N LYS A 158 -8.23 11.33 -22.60
N LYS A 158 -8.93 10.81 -22.36
CA LYS A 158 -7.89 12.75 -22.66
CA LYS A 158 -8.60 12.22 -22.52
C LYS A 158 -8.96 13.60 -22.00
C LYS A 158 -9.62 13.10 -21.82
N ASN A 159 -10.24 13.28 -22.25
N ASN A 159 -10.90 12.74 -21.88
CA ASN A 159 -11.31 14.05 -21.61
CA ASN A 159 -11.92 13.53 -21.21
C ASN A 159 -11.26 13.93 -20.09
C ASN A 159 -11.78 13.44 -19.69
N LEU A 160 -10.97 12.74 -19.57
N LEU A 160 -11.35 12.28 -19.19
CA LEU A 160 -10.84 12.60 -18.13
CA LEU A 160 -11.08 12.14 -17.76
C LEU A 160 -9.62 13.36 -17.62
C LEU A 160 -9.94 13.06 -17.33
N TYR A 161 -8.50 13.29 -18.34
N TYR A 161 -8.84 13.04 -18.08
CA TYR A 161 -7.31 14.02 -17.93
CA TYR A 161 -7.69 13.86 -17.73
C TYR A 161 -7.61 15.50 -17.78
C TYR A 161 -8.06 15.34 -17.70
N ASP A 162 -8.26 16.10 -18.77
N ASP A 162 -8.79 15.80 -18.72
CA ASP A 162 -8.55 17.53 -18.68
CA ASP A 162 -9.23 17.20 -18.73
C ASP A 162 -9.46 17.84 -17.51
C ASP A 162 -10.07 17.50 -17.50
N LYS A 163 -10.43 16.97 -17.24
N LYS A 163 -10.97 16.58 -17.12
CA LYS A 163 -11.32 17.17 -16.10
CA LYS A 163 -11.75 16.78 -15.91
C LYS A 163 -10.55 17.06 -14.79
C LYS A 163 -10.86 16.88 -14.68
N LEU A 164 -9.62 16.11 -14.70
N LEU A 164 -9.89 15.98 -14.56
CA LEU A 164 -8.85 15.92 -13.48
CA LEU A 164 -9.05 15.93 -13.36
C LEU A 164 -8.00 17.15 -13.18
C LEU A 164 -8.15 17.16 -13.27
N VAL A 165 -7.31 17.67 -14.20
N VAL A 165 -7.62 17.62 -14.40
CA VAL A 165 -6.49 18.87 -14.02
CA VAL A 165 -6.75 18.79 -14.38
C VAL A 165 -7.36 20.05 -13.63
C VAL A 165 -7.52 20.03 -13.95
N SER A 166 -8.41 20.30 -14.41
N SER A 166 -8.76 20.19 -14.41
CA SER A 166 -9.20 21.51 -14.22
CA SER A 166 -9.52 21.39 -14.12
C SER A 166 -9.93 21.53 -12.88
C SER A 166 -10.22 21.39 -12.78
N SER A 167 -10.20 20.37 -12.28
N SER A 167 -10.22 20.27 -12.06
CA SER A 167 -10.89 20.32 -11.01
CA SER A 167 -10.99 20.16 -10.82
C SER A 167 -9.97 20.06 -9.83
C SER A 167 -10.16 19.89 -9.58
N PHE A 168 -8.66 20.01 -10.05
N PHE A 168 -8.84 19.71 -9.69
CA PHE A 168 -7.74 19.68 -8.97
CA PHE A 168 -8.05 19.38 -8.53
C PHE A 168 -7.58 20.85 -8.01
C PHE A 168 -7.94 20.58 -7.60
N LEU A 169 -7.73 20.58 -6.71
N LEU A 169 -8.28 20.38 -6.33
CA LEU A 169 -7.56 21.62 -5.71
CA LEU A 169 -8.18 21.42 -5.33
C LEU A 169 -6.14 21.59 -5.18
C LEU A 169 -6.76 21.49 -4.77
N SER B 1 -13.91 -21.56 20.12
CA SER B 1 -12.60 -21.10 20.63
C SER B 1 -12.56 -19.57 20.67
N MET B 2 -11.67 -19.06 21.54
N MET B 2 -11.68 -19.05 21.53
CA MET B 2 -11.51 -17.63 21.75
CA MET B 2 -11.53 -17.63 21.75
C MET B 2 -10.23 -17.17 21.08
C MET B 2 -10.24 -17.15 21.09
N VAL B 3 -10.37 -16.27 20.11
CA VAL B 3 -9.23 -15.59 19.49
C VAL B 3 -9.53 -14.09 19.52
N ASN B 4 -8.46 -13.31 19.49
CA ASN B 4 -8.59 -11.85 19.54
C ASN B 4 -9.44 -11.40 20.72
N SER B 5 -9.21 -12.02 21.89
CA SER B 5 -9.97 -11.69 23.09
C SER B 5 -9.16 -10.70 23.93
N PHE B 6 -9.13 -9.47 23.44
CA PHE B 6 -8.43 -8.40 24.13
C PHE B 6 -9.27 -7.89 25.28
N SER B 7 -8.63 -7.69 26.44
CA SER B 7 -9.34 -7.19 27.62
C SER B 7 -8.42 -6.27 28.40
N GLY B 8 -9.04 -5.28 29.06
N GLY B 8 -9.04 -5.29 29.07
CA GLY B 8 -8.29 -4.37 29.90
CA GLY B 8 -8.30 -4.36 29.89
C GLY B 8 -7.63 -3.24 29.15
C GLY B 8 -7.60 -3.26 29.14
N TYR B 9 -7.99 -3.00 27.89
CA TYR B 9 -7.38 -1.94 27.11
C TYR B 9 -8.13 -0.64 27.30
N LEU B 10 -7.36 0.45 27.24
CA LEU B 10 -7.89 1.81 27.29
C LEU B 10 -8.04 2.32 25.86
N LYS B 11 -9.21 2.84 25.55
N LYS B 11 -9.21 2.87 25.55
CA LYS B 11 -9.51 3.36 24.23
CA LYS B 11 -9.51 3.36 24.22
C LYS B 11 -8.87 4.74 24.09
C LYS B 11 -8.93 4.76 24.05
N LEU B 12 -8.03 4.92 23.08
CA LEU B 12 -7.48 6.24 22.75
C LEU B 12 -8.23 6.89 21.60
N THR B 13 -8.47 6.15 20.53
CA THR B 13 -9.30 6.58 19.42
C THR B 13 -10.25 5.45 19.08
N ASP B 14 -11.07 5.67 18.05
CA ASP B 14 -12.02 4.64 17.64
C ASP B 14 -11.35 3.33 17.27
N ASN B 15 -10.06 3.34 16.90
CA ASN B 15 -9.39 2.13 16.46
C ASN B 15 -8.07 1.84 17.16
N VAL B 16 -7.62 2.68 18.10
CA VAL B 16 -6.35 2.48 18.78
C VAL B 16 -6.62 2.34 20.27
N TYR B 17 -6.11 1.23 20.83
CA TYR B 17 -6.29 0.85 22.23
C TYR B 17 -4.92 0.60 22.84
N ILE B 18 -4.80 0.76 24.16
CA ILE B 18 -3.50 0.64 24.80
C ILE B 18 -3.64 -0.03 26.17
N LYS B 19 -2.61 -0.79 26.54
CA LYS B 19 -2.62 -1.52 27.80
C LYS B 19 -1.20 -1.60 28.33
N ASN B 20 -1.06 -1.53 29.65
CA ASN B 20 0.21 -1.77 30.30
C ASN B 20 0.34 -3.29 30.45
N ALA B 21 1.17 -3.90 29.61
CA ALA B 21 1.25 -5.35 29.59
C ALA B 21 2.51 -5.79 28.86
N ASP B 22 2.92 -7.03 29.17
CA ASP B 22 3.99 -7.74 28.50
C ASP B 22 3.41 -8.37 27.25
N ILE B 23 3.91 -7.98 26.07
CA ILE B 23 3.29 -8.38 24.82
C ILE B 23 3.33 -9.89 24.62
N VAL B 24 4.34 -10.58 25.15
CA VAL B 24 4.37 -12.04 25.07
C VAL B 24 3.24 -12.64 25.89
N GLU B 25 3.10 -12.21 27.14
CA GLU B 25 2.01 -12.69 27.97
C GLU B 25 0.66 -12.34 27.36
N GLU B 26 0.54 -11.15 26.79
N GLU B 26 0.55 -11.14 26.80
CA GLU B 26 -0.69 -10.76 26.13
CA GLU B 26 -0.68 -10.74 26.13
C GLU B 26 -0.99 -11.66 24.95
C GLU B 26 -0.99 -11.67 24.96
N ALA B 27 0.01 -11.95 24.12
CA ALA B 27 -0.22 -12.80 22.96
C ALA B 27 -0.73 -14.17 23.40
N LYS B 28 -0.14 -14.74 24.45
CA LYS B 28 -0.57 -16.05 24.90
C LYS B 28 -1.99 -16.04 25.45
N LYS B 29 -2.41 -14.92 26.05
CA LYS B 29 -3.75 -14.82 26.61
C LYS B 29 -4.80 -14.49 25.55
N VAL B 30 -4.52 -13.49 24.71
CA VAL B 30 -5.49 -12.95 23.75
C VAL B 30 -5.67 -13.88 22.56
N LYS B 31 -4.66 -14.66 22.23
N LYS B 31 -4.65 -14.65 22.23
CA LYS B 31 -4.64 -15.49 21.03
CA LYS B 31 -4.63 -15.49 21.04
C LYS B 31 -4.95 -14.67 19.78
C LYS B 31 -4.96 -14.66 19.79
N PRO B 32 -4.12 -13.67 19.47
CA PRO B 32 -4.43 -12.79 18.33
C PRO B 32 -4.16 -13.46 16.99
N THR B 33 -4.92 -13.03 15.98
CA THR B 33 -4.60 -13.40 14.61
C THR B 33 -3.22 -12.90 14.21
N VAL B 34 -2.85 -11.69 14.64
CA VAL B 34 -1.58 -11.08 14.25
C VAL B 34 -0.93 -10.47 15.47
N VAL B 35 0.32 -10.86 15.74
CA VAL B 35 1.19 -10.11 16.63
C VAL B 35 2.26 -9.44 15.78
N VAL B 36 2.52 -8.16 16.07
CA VAL B 36 3.54 -7.40 15.37
C VAL B 36 4.87 -7.55 16.10
N ASN B 37 5.92 -7.83 15.33
CA ASN B 37 7.29 -7.79 15.84
C ASN B 37 7.95 -6.48 15.41
N ALA B 38 8.71 -5.91 16.34
CA ALA B 38 9.58 -4.75 16.10
C ALA B 38 10.88 -5.29 15.49
N ALA B 39 10.82 -5.56 14.18
CA ALA B 39 11.87 -6.25 13.45
C ALA B 39 12.91 -5.28 12.89
N ASN B 40 14.02 -5.87 12.46
CA ASN B 40 15.01 -5.19 11.63
C ASN B 40 15.07 -5.87 10.27
N VAL B 41 15.82 -5.26 9.34
CA VAL B 41 15.72 -5.69 7.93
C VAL B 41 16.21 -7.11 7.71
N TYR B 42 17.13 -7.62 8.53
CA TYR B 42 17.59 -8.99 8.40
C TYR B 42 16.90 -9.95 9.36
N LEU B 43 15.83 -9.50 10.02
CA LEU B 43 15.06 -10.35 10.91
C LEU B 43 15.96 -11.06 11.91
N LYS B 44 16.91 -10.31 12.49
CA LYS B 44 17.78 -10.81 13.54
C LYS B 44 17.17 -10.37 14.86
N HIS B 45 16.56 -11.30 15.58
CA HIS B 45 15.70 -10.99 16.71
C HIS B 45 16.50 -11.02 18.01
N GLY B 46 17.35 -10.01 18.16
CA GLY B 46 18.27 -9.98 19.27
C GLY B 46 17.74 -9.43 20.58
N GLY B 47 17.16 -8.24 20.53
CA GLY B 47 16.87 -7.49 21.74
C GLY B 47 15.44 -6.99 21.76
N GLY B 48 15.08 -6.35 22.88
CA GLY B 48 13.78 -5.73 22.97
C GLY B 48 12.65 -6.70 22.65
N VAL B 49 11.63 -6.18 21.96
CA VAL B 49 10.46 -6.97 21.63
C VAL B 49 10.84 -8.21 20.82
N ALA B 50 11.68 -8.04 19.79
CA ALA B 50 11.99 -9.17 18.92
C ALA B 50 12.68 -10.28 19.69
N GLY B 51 13.62 -9.92 20.56
CA GLY B 51 14.27 -10.94 21.37
C GLY B 51 13.29 -11.68 22.26
N ALA B 52 12.33 -10.96 22.84
CA ALA B 52 11.35 -11.60 23.71
C ALA B 52 10.42 -12.52 22.93
N LEU B 53 9.92 -12.06 21.78
CA LEU B 53 9.05 -12.91 20.97
C LEU B 53 9.79 -14.16 20.53
N ASN B 54 11.01 -14.00 20.04
CA ASN B 54 11.75 -15.16 19.56
C ASN B 54 12.02 -16.14 20.69
N LYS B 55 12.42 -15.63 21.85
CA LYS B 55 12.65 -16.52 23.00
C LYS B 55 11.40 -17.30 23.35
N ALA B 56 10.23 -16.66 23.29
CA ALA B 56 9.00 -17.36 23.61
C ALA B 56 8.74 -18.51 22.65
N THR B 57 9.21 -18.39 21.40
CA THR B 57 9.07 -19.46 20.41
C THR B 57 10.19 -20.47 20.48
N ASN B 58 11.06 -20.39 21.49
CA ASN B 58 12.19 -21.31 21.61
C ASN B 58 13.06 -21.29 20.36
N ASN B 59 13.24 -20.09 19.79
CA ASN B 59 14.11 -19.83 18.65
C ASN B 59 13.49 -20.27 17.32
N ALA B 60 12.27 -20.82 17.31
CA ALA B 60 11.67 -21.21 16.04
C ALA B 60 11.46 -20.02 15.13
N MET B 61 11.13 -18.86 15.70
CA MET B 61 10.98 -17.66 14.89
C MET B 61 12.28 -17.31 14.18
N GLN B 62 13.41 -17.42 14.89
CA GLN B 62 14.69 -17.06 14.26
C GLN B 62 15.04 -18.02 13.14
N VAL B 63 14.82 -19.32 13.34
CA VAL B 63 15.13 -20.29 12.30
C VAL B 63 14.29 -20.00 11.05
N GLU B 64 12.99 -19.78 11.27
CA GLU B 64 12.11 -19.47 10.15
C GLU B 64 12.53 -18.18 9.45
N SER B 65 12.92 -17.18 10.25
CA SER B 65 13.33 -15.89 9.70
C SER B 65 14.59 -16.01 8.86
N ASP B 66 15.58 -16.77 9.33
CA ASP B 66 16.81 -16.94 8.56
C ASP B 66 16.51 -17.60 7.21
N ASP B 67 15.61 -18.59 7.19
CA ASP B 67 15.22 -19.20 5.93
C ASP B 67 14.52 -18.19 5.02
N TYR B 68 13.63 -17.36 5.58
CA TYR B 68 12.99 -16.32 4.79
C TYR B 68 14.02 -15.40 4.14
N ILE B 69 15.03 -14.98 4.92
CA ILE B 69 16.06 -14.07 4.39
C ILE B 69 16.87 -14.75 3.30
N ALA B 70 17.21 -16.03 3.49
CA ALA B 70 17.95 -16.75 2.45
C ALA B 70 17.20 -16.72 1.13
N THR B 71 15.87 -16.87 1.18
CA THR B 71 15.07 -16.95 -0.03
C THR B 71 14.78 -15.57 -0.63
N ASN B 72 14.57 -14.56 0.22
CA ASN B 72 14.00 -13.29 -0.20
C ASN B 72 14.92 -12.09 -0.02
N GLY B 73 15.99 -12.20 0.74
CA GLY B 73 16.81 -11.06 1.04
C GLY B 73 16.18 -10.18 2.09
N PRO B 74 16.89 -9.13 2.49
CA PRO B 74 16.42 -8.29 3.58
C PRO B 74 15.19 -7.46 3.19
N LEU B 75 14.44 -7.10 4.21
CA LEU B 75 13.34 -6.17 4.06
C LEU B 75 13.87 -4.76 3.86
N LYS B 76 12.97 -3.84 3.51
CA LYS B 76 13.24 -2.41 3.51
C LYS B 76 12.83 -1.81 4.85
N VAL B 77 13.56 -0.78 5.30
CA VAL B 77 13.06 0.01 6.42
C VAL B 77 11.72 0.62 6.01
N GLY B 78 10.71 0.44 6.86
CA GLY B 78 9.35 0.81 6.53
C GLY B 78 8.52 -0.31 5.97
N GLY B 79 9.13 -1.47 5.67
CA GLY B 79 8.42 -2.60 5.12
C GLY B 79 8.12 -3.67 6.16
N SER B 80 7.56 -4.79 5.67
CA SER B 80 7.13 -5.86 6.55
C SER B 80 7.07 -7.17 5.79
N CYS B 81 6.96 -8.26 6.55
CA CYS B 81 6.59 -9.54 6.00
C CYS B 81 5.75 -10.29 7.02
N VAL B 82 4.92 -11.20 6.52
CA VAL B 82 4.07 -12.05 7.35
C VAL B 82 4.73 -13.42 7.45
N LEU B 83 4.99 -13.86 8.67
CA LEU B 83 5.50 -15.20 8.93
C LEU B 83 4.60 -15.87 9.98
N SER B 84 4.96 -17.08 10.40
CA SER B 84 4.16 -17.77 11.40
C SER B 84 4.19 -17.04 12.73
N GLY B 85 3.09 -17.15 13.47
CA GLY B 85 3.06 -16.68 14.84
C GLY B 85 3.40 -17.73 15.88
N HIS B 86 3.71 -18.97 15.49
CA HIS B 86 4.23 -19.99 16.42
C HIS B 86 3.26 -20.17 17.58
N ASN B 87 3.71 -20.08 18.82
CA ASN B 87 2.86 -20.22 20.00
C ASN B 87 2.29 -18.90 20.47
N LEU B 88 2.41 -17.85 19.67
CA LEU B 88 1.99 -16.51 20.05
C LEU B 88 0.75 -16.02 19.34
N ALA B 89 0.53 -16.44 18.09
CA ALA B 89 -0.48 -15.84 17.25
C ALA B 89 -0.60 -16.71 16.01
N LYS B 90 -1.66 -16.48 15.23
CA LYS B 90 -1.70 -17.15 13.93
C LYS B 90 -0.52 -16.72 13.08
N HIS B 91 -0.28 -15.40 13.00
CA HIS B 91 0.74 -14.81 12.18
C HIS B 91 1.55 -13.83 13.00
N CYS B 92 2.82 -13.69 12.65
CA CYS B 92 3.64 -12.57 13.11
C CYS B 92 3.90 -11.65 11.93
N LEU B 93 3.50 -10.39 12.06
CA LEU B 93 3.81 -9.36 11.09
C LEU B 93 5.11 -8.69 11.55
N HIS B 94 6.20 -8.97 10.85
CA HIS B 94 7.50 -8.38 11.16
C HIS B 94 7.57 -7.04 10.47
N VAL B 95 7.57 -5.94 11.23
CA VAL B 95 7.53 -4.59 10.67
C VAL B 95 8.81 -3.88 11.06
N VAL B 96 9.46 -3.26 10.09
CA VAL B 96 10.73 -2.57 10.33
C VAL B 96 10.45 -1.07 10.44
N GLY B 97 10.46 -0.54 11.65
CA GLY B 97 10.47 0.89 11.85
C GLY B 97 11.89 1.41 11.77
N PRO B 98 12.05 2.72 11.54
CA PRO B 98 13.40 3.30 11.55
C PRO B 98 14.02 3.22 12.94
N ASN B 99 15.30 2.88 12.96
CA ASN B 99 16.09 2.86 14.19
C ASN B 99 16.87 4.15 14.28
N VAL B 100 16.37 5.09 15.09
CA VAL B 100 17.04 6.38 15.26
C VAL B 100 18.41 6.21 15.91
N ASN B 101 18.58 5.20 16.76
CA ASN B 101 19.89 4.92 17.33
C ASN B 101 20.90 4.46 16.29
N LYS B 102 20.45 4.12 15.09
CA LYS B 102 21.32 3.80 13.97
C LYS B 102 21.31 4.86 12.88
N GLY B 103 20.74 6.03 13.16
CA GLY B 103 20.74 7.13 12.22
C GLY B 103 19.69 7.07 11.14
N GLU B 104 18.73 6.15 11.24
CA GLU B 104 17.72 6.00 10.20
C GLU B 104 16.66 7.09 10.33
N ASP B 105 16.05 7.42 9.19
CA ASP B 105 15.18 8.59 9.12
C ASP B 105 13.86 8.32 9.82
N ILE B 106 13.59 9.08 10.88
CA ILE B 106 12.34 8.96 11.62
C ILE B 106 11.14 9.17 10.70
N GLN B 107 11.32 9.87 9.58
CA GLN B 107 10.21 10.07 8.66
C GLN B 107 9.64 8.76 8.12
N LEU B 108 10.40 7.68 8.14
CA LEU B 108 9.94 6.39 7.64
C LEU B 108 8.96 5.68 8.58
N LEU B 109 8.69 6.27 9.74
CA LEU B 109 7.81 5.65 10.71
C LEU B 109 6.38 5.55 10.18
N LYS B 110 5.92 6.55 9.42
CA LYS B 110 4.57 6.48 8.89
C LYS B 110 4.43 5.30 7.93
N SER B 111 5.39 5.14 7.01
CA SER B 111 5.37 3.98 6.11
C SER B 111 5.33 2.68 6.89
N ALA B 112 6.11 2.58 7.97
CA ALA B 112 6.11 1.37 8.78
C ALA B 112 4.71 1.09 9.34
N TYR B 113 4.05 2.11 9.91
CA TYR B 113 2.72 1.89 10.44
C TYR B 113 1.70 1.55 9.37
N GLU B 114 1.89 2.02 8.14
CA GLU B 114 0.94 1.70 7.08
C GLU B 114 0.79 0.21 6.89
N ASN B 115 1.82 -0.57 7.23
CA ASN B 115 1.70 -2.02 7.10
C ASN B 115 0.56 -2.56 7.96
N PHE B 116 0.26 -1.90 9.08
CA PHE B 116 -0.78 -2.38 9.96
C PHE B 116 -2.13 -2.38 9.27
N ASN B 117 -2.34 -1.47 8.30
CA ASN B 117 -3.65 -1.34 7.65
C ASN B 117 -4.01 -2.54 6.79
N GLN B 118 -3.08 -3.46 6.57
CA GLN B 118 -3.36 -4.68 5.83
C GLN B 118 -3.95 -5.79 6.70
N HIS B 119 -4.21 -5.50 7.98
CA HIS B 119 -4.74 -6.49 8.93
C HIS B 119 -5.85 -5.84 9.74
N GLU B 120 -6.97 -6.54 9.87
N GLU B 120 -6.97 -6.54 9.87
CA GLU B 120 -8.13 -5.91 10.50
CA GLU B 120 -8.13 -5.90 10.50
C GLU B 120 -7.92 -5.66 11.98
C GLU B 120 -7.94 -5.68 11.99
N VAL B 121 -7.16 -6.52 12.66
CA VAL B 121 -6.88 -6.38 14.09
C VAL B 121 -5.50 -6.93 14.38
N LEU B 122 -4.74 -6.21 15.21
CA LEU B 122 -3.37 -6.57 15.55
C LEU B 122 -3.08 -6.28 17.01
N LEU B 123 -2.25 -7.14 17.61
CA LEU B 123 -1.56 -6.87 18.86
C LEU B 123 -0.16 -6.36 18.52
N ALA B 124 0.24 -5.21 19.06
CA ALA B 124 1.46 -4.59 18.57
C ALA B 124 2.20 -3.82 19.65
N PRO B 125 3.50 -3.65 19.49
CA PRO B 125 4.26 -2.66 20.24
C PRO B 125 4.26 -1.34 19.48
N LEU B 126 4.71 -0.28 20.16
CA LEU B 126 4.95 1.00 19.49
C LEU B 126 6.21 0.89 18.63
N LEU B 127 6.05 1.15 17.34
CA LEU B 127 7.17 1.02 16.43
C LEU B 127 8.22 2.08 16.69
N SER B 128 9.47 1.68 16.51
CA SER B 128 10.64 2.53 16.66
C SER B 128 10.87 2.99 18.09
N ALA B 129 10.10 2.50 19.06
CA ALA B 129 10.30 2.84 20.45
C ALA B 129 11.42 2.00 21.05
N GLY B 130 11.73 2.31 22.30
CA GLY B 130 12.64 1.47 23.06
C GLY B 130 14.03 1.48 22.46
N ILE B 131 14.54 0.28 22.20
CA ILE B 131 15.89 0.14 21.68
C ILE B 131 16.05 0.74 20.30
N PHE B 132 14.95 1.06 19.61
CA PHE B 132 15.03 1.75 18.33
C PHE B 132 15.17 3.27 18.46
N GLY B 133 14.96 3.84 19.65
CA GLY B 133 15.40 5.19 19.92
C GLY B 133 14.45 6.33 19.61
N ALA B 134 13.29 6.08 19.02
CA ALA B 134 12.37 7.17 18.75
C ALA B 134 11.62 7.57 20.01
N ASP B 135 11.07 8.78 20.00
CA ASP B 135 10.23 9.24 21.10
C ASP B 135 8.95 8.41 21.08
N PRO B 136 8.64 7.64 22.12
CA PRO B 136 7.40 6.85 22.10
C PRO B 136 6.15 7.69 21.97
N ILE B 137 6.16 8.93 22.49
CA ILE B 137 5.02 9.83 22.32
C ILE B 137 4.79 10.11 20.84
N HIS B 138 5.88 10.32 20.10
CA HIS B 138 5.75 10.52 18.67
C HIS B 138 5.30 9.25 17.96
N SER B 139 5.80 8.08 18.38
CA SER B 139 5.37 6.85 17.75
C SER B 139 3.87 6.66 17.94
N LEU B 140 3.35 6.95 19.13
CA LEU B 140 1.91 6.84 19.34
C LEU B 140 1.16 7.82 18.45
N ARG B 141 1.68 9.04 18.31
CA ARG B 141 1.08 10.03 17.41
C ARG B 141 0.99 9.50 15.99
N VAL B 142 2.10 8.99 15.46
CA VAL B 142 2.08 8.47 14.10
C VAL B 142 1.14 7.29 14.00
N CYS B 143 1.11 6.43 15.01
CA CYS B 143 0.19 5.30 15.00
C CYS B 143 -1.25 5.77 14.86
N VAL B 144 -1.67 6.70 15.71
CA VAL B 144 -3.05 7.16 15.67
C VAL B 144 -3.38 7.85 14.36
N ASP B 145 -2.42 8.55 13.78
CA ASP B 145 -2.65 9.31 12.57
C ASP B 145 -2.50 8.48 11.30
N THR B 146 -2.08 7.22 11.42
CA THR B 146 -1.80 6.39 10.26
C THR B 146 -2.61 5.12 10.22
N VAL B 147 -2.73 4.43 11.35
CA VAL B 147 -3.42 3.14 11.40
C VAL B 147 -4.91 3.40 11.48
N ARG B 148 -5.67 2.71 10.63
CA ARG B 148 -7.12 2.78 10.61
C ARG B 148 -7.77 1.47 11.04
N THR B 149 -7.04 0.37 11.00
CA THR B 149 -7.52 -0.92 11.50
C THR B 149 -7.36 -0.95 13.02
N ASN B 150 -7.82 -2.01 13.64
CA ASN B 150 -7.90 -2.06 15.10
C ASN B 150 -6.56 -2.52 15.68
N VAL B 151 -5.88 -1.63 16.37
CA VAL B 151 -4.56 -1.92 16.92
C VAL B 151 -4.61 -1.83 18.44
N TYR B 152 -4.13 -2.89 19.07
CA TYR B 152 -4.07 -3.06 20.51
C TYR B 152 -2.60 -2.99 20.90
N LEU B 153 -2.20 -1.88 21.51
CA LEU B 153 -0.81 -1.61 21.85
C LEU B 153 -0.49 -2.10 23.25
N ALA B 154 0.61 -2.84 23.38
CA ALA B 154 1.11 -3.32 24.66
C ALA B 154 2.34 -2.51 25.03
N VAL B 155 2.31 -1.89 26.21
CA VAL B 155 3.41 -1.10 26.72
C VAL B 155 3.85 -1.74 28.03
N PHE B 156 5.09 -2.21 28.07
CA PHE B 156 5.56 -3.00 29.22
C PHE B 156 5.70 -2.17 30.49
N ASP B 157 6.35 -1.02 30.40
CA ASP B 157 6.67 -0.23 31.59
C ASP B 157 5.48 0.63 31.98
N LYS B 158 4.94 0.40 33.18
CA LYS B 158 3.82 1.21 33.69
C LYS B 158 4.12 2.70 33.62
N ASN B 159 5.35 3.10 33.89
CA ASN B 159 5.68 4.52 33.90
C ASN B 159 5.65 5.12 32.49
N LEU B 160 6.07 4.36 31.48
CA LEU B 160 5.94 4.84 30.12
C LEU B 160 4.48 4.84 29.69
N TYR B 161 3.73 3.79 30.06
CA TYR B 161 2.30 3.75 29.78
C TYR B 161 1.62 5.01 30.31
N ASP B 162 1.91 5.36 31.55
CA ASP B 162 1.28 6.54 32.16
C ASP B 162 1.67 7.81 31.40
N LYS B 163 2.93 7.93 31.00
CA LYS B 163 3.37 9.09 30.23
C LYS B 163 2.63 9.18 28.89
N LEU B 164 2.47 8.05 28.22
CA LEU B 164 1.78 8.00 26.93
C LEU B 164 0.31 8.37 27.08
N VAL B 165 -0.38 7.78 28.05
CA VAL B 165 -1.81 8.03 28.22
C VAL B 165 -2.04 9.45 28.69
N SER B 166 -1.29 9.88 29.71
CA SER B 166 -1.54 11.17 30.32
C SER B 166 -1.25 12.31 29.36
N SER B 167 -0.34 12.13 28.40
CA SER B 167 0.01 13.18 27.47
C SER B 167 -0.73 13.09 26.13
N PHE B 168 -1.51 12.04 25.90
CA PHE B 168 -2.17 11.88 24.61
C PHE B 168 -3.27 12.93 24.40
N LEU B 169 -3.93 13.32 25.49
CA LEU B 169 -5.03 14.27 25.43
C LEU B 169 -5.15 15.10 26.72
C16 RLU C . -5.62 1.22 -20.58
C17 RLU C . -4.62 0.95 -21.48
C15 RLU C . -5.11 2.22 -19.69
C14 RLU C . -5.54 2.95 -18.54
C13 RLU C . -6.91 2.76 -17.97
C11 RLU C . -7.97 3.04 -14.02
C10 RLU C . -8.10 2.09 -12.98
C19 RLU C . -3.80 2.53 -20.10
C02 RLU C . -8.26 6.21 -17.05
C03 RLU C . -8.76 5.25 -15.98
C04 RLU C . -8.50 3.78 -16.40
C05 RLU C . -8.60 2.80 -15.25
C06 RLU C . -9.34 1.61 -15.44
C07 RLU C . -9.47 0.67 -14.41
C08 RLU C . -8.85 0.92 -13.19
C21 RLU C . -3.50 4.04 -18.47
N12 RLU C . -7.23 3.71 -17.10
N18 RLU C . -3.52 1.74 -21.19
N20 RLU C . -2.97 3.43 -19.51
N22 RLU C . -4.72 3.85 -17.96
O01 RLU C . -7.13 6.70 -16.88
O23 RLU C . -7.64 1.82 -18.28
O24 RLU C . -9.00 6.42 -18.04
BR09 RLU C . -9.02 -0.32 -11.80
H161 RLU C . -6.60 0.77 -20.54
H171 RLU C . -4.61 0.26 -22.32
H111 RLU C . -7.39 3.95 -13.85
H101 RLU C . -7.63 2.27 -12.04
H032 RLU C . -8.24 5.49 -15.06
H031 RLU C . -9.82 5.42 -15.83
H041 RLU C . -9.26 3.53 -17.14
H061 RLU C . -9.83 1.40 -16.37
H071 RLU C . -10.06 -0.23 -14.57
H211 RLU C . -2.88 4.77 -17.97
H121 RLU C . -6.55 4.44 -16.92
H181 RLU C . -2.67 1.71 -21.73
O1 A1CJB D . -6.94 3.43 -16.48
C1 A1CJB D . -7.84 6.26 -17.22
C2 A1CJB D . -8.74 5.69 -16.12
C3 A1CJB D . -9.67 4.56 -16.63
C4 A1CJB D . -10.81 5.22 -17.37
C5 A1CJB D . -11.75 6.01 -16.67
C6 A1CJB D . -12.81 6.62 -17.38
C7 A1CJB D . -12.90 6.44 -18.77
C8 A1CJB D . -11.97 5.67 -19.47
C10 A1CJB D . -7.71 3.14 -17.40
C11 A1CJB D . -7.33 2.21 -18.51
C12 A1CJB D . -6.05 2.27 -19.14
C13 A1CJB D . -4.85 3.04 -18.99
C14 A1CJB D . -3.97 2.57 -19.92
C15 A1CJB D . -5.85 1.33 -20.19
C16 A1CJB D . -7.89 0.47 -19.98
C9 A1CJB D . -10.92 5.06 -18.77
N1 A1CJB D . -8.95 3.63 -17.51
N2 A1CJB D . -4.55 1.56 -20.64
N3 A1CJB D . -6.74 0.40 -20.64
N4 A1CJB D . -8.23 1.28 -18.97
O2 A1CJB D . -6.67 6.59 -16.91
O3 A1CJB D . -8.32 6.36 -18.38
BR1 A1CJB D . -14.30 7.26 -19.74
H2 A1CJB D . -8.12 5.32 -15.31
H1 A1CJB D . -9.34 6.51 -15.67
H3 A1CJB D . -10.07 4.01 -15.77
H4 A1CJB D . -11.67 6.14 -15.61
H5 A1CJB D . -13.54 7.21 -16.86
H6 A1CJB D . -12.05 5.53 -20.54
H9 A1CJB D . -4.70 3.83 -18.27
H10 A1CJB D . -2.96 2.90 -20.14
H12 A1CJB D . -8.64 -0.24 -20.29
H7 A1CJB D . -10.21 4.46 -19.31
H8 A1CJB D . -9.45 3.31 -18.32
H11 A1CJB D . -4.09 1.06 -21.39
#